data_6GED
#
_entry.id   6GED
#
_cell.length_a   32.017
_cell.length_b   93.026
_cell.length_c   99.097
_cell.angle_alpha   90.000
_cell.angle_beta   90.000
_cell.angle_gamma   90.000
#
_symmetry.space_group_name_H-M   'P 21 21 21'
#
loop_
_entity.id
_entity.type
_entity.pdbx_description
1 polymer PrgB
2 polymer "DNA (5'-D(P*GP*GP*GP*CP*GP*GP*CP*CP*CP*G)-3')"
3 polymer "DNA (5'-D(P*CP*GP*GP*GP*CP*CP*GP*CP*CP*C)-3')"
4 non-polymer 'SODIUM ION'
5 non-polymer 1,2-ETHANEDIOL
6 water water
#
loop_
_entity_poly.entity_id
_entity_poly.type
_entity_poly.pdbx_seq_one_letter_code
_entity_poly.pdbx_strand_id
1 'polypeptide(L)'
;SMEPYEKEVAEYNKHKNENSYVNEAISKNLVFDQSVVTKDTKISSIKGGKFIKATDFNKVNAGDSKDIFTKLRKDMGGKA
TGNFQNSFVKEANLGSNGGYAVLLEKNKPVTVTYTGLNASYLGRKITKAEFVYELQSSPSQSGTLNAVFSNDPIITAFIG
TNRVNGKDVKTRLTIKFFDASGKEVLPDKDSPFAYALSSLNSSLTNKGGHAEFVSDFGANNAFKYINGSYVKKQADGKFY
SPEDIDYGTGPSGLKNSDWDAVGHKNAYFGSGVGLANGRISFSFGMTTKGKSNVPVSSAQWFAFSTNLNAQSVKP
;
A
2 'polydeoxyribonucleotide' (DG)(DG)(DG)(DC)(DG)(DG)(DC)(DC)(DC)(DG) C
3 'polydeoxyribonucleotide' (DC)(DG)(DG)(DG)(DC)(DC)(DG)(DC)(DC)(DC) D
#
loop_
_chem_comp.id
_chem_comp.type
_chem_comp.name
_chem_comp.formula
DC DNA linking 2'-DEOXYCYTIDINE-5'-MONOPHOSPHATE 'C9 H14 N3 O7 P'
DG DNA linking 2'-DEOXYGUANOSINE-5'-MONOPHOSPHATE 'C10 H14 N5 O7 P'
EDO non-polymer 1,2-ETHANEDIOL 'C2 H6 O2'
NA non-polymer 'SODIUM ION' 'Na 1'
#
# COMPACT_ATOMS: atom_id res chain seq x y z
N ASN A 17 -8.51 2.29 -27.26
CA ASN A 17 -9.12 1.29 -26.37
C ASN A 17 -8.28 0.01 -26.26
N GLU A 18 -7.02 0.13 -26.64
CA GLU A 18 -6.11 -0.98 -26.57
C GLU A 18 -5.70 -1.29 -25.13
N ASN A 19 -5.42 -2.55 -24.87
CA ASN A 19 -5.02 -2.98 -23.54
C ASN A 19 -3.72 -2.32 -23.12
N SER A 20 -3.64 -2.03 -21.82
CA SER A 20 -2.56 -1.37 -21.07
C SER A 20 -2.52 0.12 -21.25
N TYR A 21 -3.59 0.67 -21.81
CA TYR A 21 -3.65 2.10 -21.99
C TYR A 21 -4.76 2.78 -21.22
N VAL A 22 -4.49 3.98 -20.77
CA VAL A 22 -5.54 4.80 -20.20
C VAL A 22 -6.19 5.59 -21.34
N ASN A 23 -7.49 5.87 -21.22
CA ASN A 23 -8.17 6.59 -22.29
C ASN A 23 -7.97 8.09 -22.19
N GLU A 24 -7.18 8.54 -21.23
CA GLU A 24 -6.69 9.91 -21.14
C GLU A 24 -5.18 9.89 -21.26
N ALA A 25 -4.63 10.89 -21.97
CA ALA A 25 -3.17 10.97 -22.11
C ALA A 25 -2.55 11.22 -20.73
N ILE A 26 -1.55 10.41 -20.39
CA ILE A 26 -0.96 10.43 -19.06
C ILE A 26 0.52 10.76 -19.19
N SER A 27 0.99 11.70 -18.39
CA SER A 27 2.38 12.11 -18.34
C SER A 27 2.93 11.86 -16.95
N LYS A 28 4.16 11.31 -16.89
CA LYS A 28 4.81 11.04 -15.61
C LYS A 28 5.53 12.31 -15.14
N ASN A 29 4.72 13.32 -14.84
CA ASN A 29 5.25 14.57 -14.31
C ASN A 29 6.04 14.37 -13.03
N LEU A 30 5.62 13.42 -12.20
CA LEU A 30 6.29 13.06 -10.97
C LEU A 30 7.09 11.78 -11.22
N VAL A 31 8.24 11.66 -10.58
CA VAL A 31 8.97 10.40 -10.61
C VAL A 31 9.22 9.99 -9.17
N PHE A 32 8.76 8.80 -8.81
CA PHE A 32 8.96 8.27 -7.47
C PHE A 32 9.09 6.77 -7.68
N ASP A 33 10.31 6.34 -7.95
CA ASP A 33 10.60 4.96 -8.24
C ASP A 33 12.01 4.63 -7.81
N GLN A 34 12.49 3.45 -8.19
CA GLN A 34 13.81 3.02 -7.76
C GLN A 34 14.89 4.06 -8.05
N SER A 35 14.72 4.83 -9.12
CA SER A 35 15.75 5.81 -9.48
C SER A 35 15.85 6.96 -8.48
N VAL A 36 14.87 7.14 -7.58
CA VAL A 36 14.94 8.27 -6.65
C VAL A 36 15.58 7.87 -5.33
N VAL A 37 15.80 6.57 -5.09
CA VAL A 37 16.39 6.07 -3.85
C VAL A 37 17.90 6.23 -3.90
N THR A 38 18.45 6.91 -2.91
CA THR A 38 19.89 7.11 -2.88
C THR A 38 20.51 6.37 -1.69
N LYS A 39 21.83 6.45 -1.66
CA LYS A 39 22.63 6.00 -0.54
C LYS A 39 22.13 6.57 0.77
N ASP A 40 21.57 7.78 0.74
CA ASP A 40 21.13 8.48 1.93
C ASP A 40 19.66 8.23 2.26
N THR A 41 18.92 7.50 1.41
CA THR A 41 17.48 7.37 1.61
C THR A 41 17.18 6.57 2.88
N LYS A 42 16.33 7.12 3.75
CA LYS A 42 15.90 6.33 4.89
C LYS A 42 14.71 7.00 5.55
N ILE A 43 14.09 6.25 6.46
CA ILE A 43 13.13 6.84 7.37
C ILE A 43 13.89 7.56 8.48
N SER A 44 13.65 8.86 8.61
CA SER A 44 14.34 9.59 9.65
C SER A 44 13.50 9.75 10.92
N SER A 45 12.20 9.58 10.83
CA SER A 45 11.40 9.63 12.06
C SER A 45 10.05 9.01 11.80
N ILE A 46 9.46 8.50 12.86
CA ILE A 46 8.11 7.97 12.83
C ILE A 46 7.40 8.57 14.04
N LYS A 47 6.39 9.40 13.80
CA LYS A 47 5.71 10.10 14.89
C LYS A 47 4.24 9.74 14.93
N GLY A 48 3.71 9.63 16.16
CA GLY A 48 2.28 9.50 16.38
C GLY A 48 1.78 8.09 16.63
N GLY A 49 2.65 7.08 16.57
CA GLY A 49 2.23 5.71 16.78
C GLY A 49 3.06 5.01 17.83
N LYS A 50 2.45 4.04 18.47
CA LYS A 50 3.16 3.14 19.35
C LYS A 50 4.06 2.18 18.56
N PHE A 51 5.30 2.00 19.01
CA PHE A 51 6.20 1.08 18.32
C PHE A 51 6.00 -0.35 18.80
N ILE A 52 6.16 -1.29 17.89
CA ILE A 52 6.14 -2.70 18.23
C ILE A 52 7.58 -3.19 18.29
N LYS A 53 7.99 -3.73 19.44
CA LYS A 53 9.33 -4.29 19.53
C LYS A 53 9.53 -5.39 18.50
N ALA A 54 10.72 -5.42 17.88
CA ALA A 54 11.01 -6.45 16.86
C ALA A 54 10.88 -7.85 17.45
N THR A 55 11.27 -8.04 18.71
CA THR A 55 11.13 -9.39 19.30
C THR A 55 9.68 -9.82 19.41
N ASP A 56 8.76 -8.87 19.65
CA ASP A 56 7.34 -9.19 19.64
C ASP A 56 6.80 -9.35 18.23
N PHE A 57 7.21 -8.49 17.30
CA PHE A 57 6.75 -8.64 15.94
C PHE A 57 7.17 -9.99 15.37
N ASN A 58 8.38 -10.44 15.69
CA ASN A 58 8.90 -11.62 15.03
C ASN A 58 8.33 -12.92 15.56
N LYS A 59 7.57 -12.91 16.66
CA LYS A 59 6.97 -14.17 17.07
C LYS A 59 5.77 -14.50 16.18
N VAL A 60 5.50 -15.80 15.99
CA VAL A 60 4.31 -16.18 15.25
C VAL A 60 3.50 -17.13 16.10
N ASN A 61 2.24 -17.31 15.73
CA ASN A 61 1.42 -18.30 16.42
C ASN A 61 1.95 -19.71 16.20
N ALA A 62 1.53 -20.61 17.08
CA ALA A 62 1.92 -22.01 16.95
C ALA A 62 1.47 -22.55 15.59
N GLY A 63 2.39 -23.24 14.91
CA GLY A 63 2.12 -23.88 13.65
C GLY A 63 2.19 -22.99 12.42
N ASP A 64 2.48 -21.71 12.58
CA ASP A 64 2.54 -20.76 11.48
C ASP A 64 3.90 -20.79 10.79
N SER A 65 3.92 -20.30 9.54
CA SER A 65 5.18 -20.05 8.86
C SER A 65 5.77 -18.75 9.37
N LYS A 66 7.02 -18.50 9.00
CA LYS A 66 7.77 -17.40 9.60
C LYS A 66 7.91 -16.19 8.68
N ASP A 67 6.96 -15.98 7.78
CA ASP A 67 7.10 -14.89 6.80
C ASP A 67 6.51 -13.58 7.34
N ILE A 68 6.79 -12.47 6.65
CA ILE A 68 6.36 -11.19 7.17
C ILE A 68 4.84 -11.12 7.21
N PHE A 69 4.16 -11.81 6.28
CA PHE A 69 2.71 -11.67 6.28
C PHE A 69 2.12 -12.44 7.45
N THR A 70 2.68 -13.62 7.76
CA THR A 70 2.18 -14.31 8.94
C THR A 70 2.46 -13.51 10.20
N LYS A 71 3.62 -12.84 10.28
CA LYS A 71 3.95 -12.10 11.50
C LYS A 71 3.02 -10.91 11.67
N LEU A 72 2.54 -10.39 10.55
CA LEU A 72 1.56 -9.32 10.56
C LEU A 72 0.19 -9.79 11.01
N ARG A 73 -0.13 -11.06 10.76
CA ARG A 73 -1.44 -11.58 11.09
C ARG A 73 -1.64 -12.08 12.51
N LYS A 74 -1.39 -11.20 13.45
CA LYS A 74 -1.60 -11.47 14.84
C LYS A 74 -2.08 -10.19 15.46
N ASP A 75 -2.78 -10.31 16.56
CA ASP A 75 -3.34 -9.11 17.19
C ASP A 75 -2.32 -8.54 18.16
N MET A 76 -1.76 -7.37 17.83
CA MET A 76 -0.73 -6.77 18.65
C MET A 76 -1.25 -5.60 19.46
N GLY A 77 -2.56 -5.41 19.53
CA GLY A 77 -3.10 -4.40 20.39
C GLY A 77 -2.57 -4.61 21.79
N GLY A 78 -2.03 -3.59 22.43
CA GLY A 78 -1.54 -3.80 23.78
C GLY A 78 -0.22 -4.55 23.87
N LYS A 79 0.43 -4.75 22.74
CA LYS A 79 1.71 -5.41 22.68
C LYS A 79 2.64 -4.53 21.87
N ALA A 80 2.52 -3.23 22.06
CA ALA A 80 3.29 -2.24 21.30
C ALA A 80 4.00 -1.39 22.34
N THR A 81 5.07 -1.94 22.91
CA THR A 81 5.84 -1.29 23.95
C THR A 81 7.26 -0.97 23.49
N GLY A 82 7.45 -0.81 22.17
CA GLY A 82 8.77 -0.59 21.63
C GLY A 82 9.14 0.86 21.64
N ASN A 83 10.31 1.15 21.08
CA ASN A 83 10.74 2.48 20.75
C ASN A 83 11.27 2.46 19.31
N PHE A 84 11.69 3.62 18.80
CA PHE A 84 12.13 3.68 17.42
C PHE A 84 13.25 2.67 17.16
N GLN A 85 14.19 2.57 18.10
CA GLN A 85 15.38 1.76 17.87
C GLN A 85 15.07 0.28 17.90
N ASN A 86 14.29 -0.19 18.89
CA ASN A 86 14.07 -1.62 18.97
C ASN A 86 12.88 -2.09 18.15
N SER A 87 12.20 -1.19 17.43
CA SER A 87 11.19 -1.61 16.47
C SER A 87 11.78 -2.01 15.12
N PHE A 88 13.10 -1.93 14.96
CA PHE A 88 13.72 -2.19 13.66
C PHE A 88 13.63 -3.67 13.34
N VAL A 89 13.06 -4.00 12.20
CA VAL A 89 12.89 -5.39 11.76
C VAL A 89 13.68 -5.60 10.47
N LYS A 90 14.34 -6.75 10.36
CA LYS A 90 15.06 -7.15 9.17
C LYS A 90 14.29 -8.29 8.52
N GLU A 91 13.87 -8.11 7.27
CA GLU A 91 13.14 -9.12 6.51
C GLU A 91 13.43 -8.84 5.04
N ALA A 92 13.73 -9.87 4.24
CA ALA A 92 14.09 -9.60 2.84
C ALA A 92 13.01 -8.82 2.11
N ASN A 93 11.74 -9.03 2.46
CA ASN A 93 10.68 -8.32 1.75
C ASN A 93 10.82 -6.82 1.87
N LEU A 94 11.52 -6.36 2.92
CA LEU A 94 11.63 -4.93 3.22
C LEU A 94 12.75 -4.26 2.44
N GLY A 95 13.56 -5.03 1.71
CA GLY A 95 14.79 -4.52 1.14
C GLY A 95 15.95 -4.69 2.11
N SER A 96 17.14 -4.28 1.63
CA SER A 96 18.36 -4.55 2.39
C SER A 96 18.50 -3.65 3.62
N ASN A 97 17.70 -2.59 3.75
CA ASN A 97 17.80 -1.67 4.87
C ASN A 97 16.68 -1.88 5.91
N GLY A 98 15.88 -2.94 5.78
CA GLY A 98 14.92 -3.18 6.85
C GLY A 98 13.76 -2.18 6.93
N GLY A 99 13.13 -2.17 8.09
CA GLY A 99 12.02 -1.27 8.32
C GLY A 99 11.67 -1.25 9.79
N TYR A 100 10.53 -0.62 10.11
CA TYR A 100 10.14 -0.38 11.50
C TYR A 100 8.72 -0.85 11.72
N ALA A 101 8.50 -1.58 12.83
CA ALA A 101 7.19 -2.09 13.20
C ALA A 101 6.45 -1.09 14.11
N VAL A 102 5.19 -0.84 13.81
CA VAL A 102 4.41 0.21 14.44
C VAL A 102 2.97 -0.28 14.55
N LEU A 103 2.29 0.11 15.64
CA LEU A 103 0.86 -0.19 15.79
C LEU A 103 0.00 0.97 15.31
N LEU A 104 -0.94 0.69 14.42
CA LEU A 104 -1.91 1.70 13.96
C LEU A 104 -3.19 1.57 14.78
N GLU A 105 -3.69 2.70 15.26
CA GLU A 105 -4.88 2.77 16.09
C GLU A 105 -5.86 3.74 15.48
N LYS A 106 -7.15 3.48 15.65
CA LYS A 106 -8.12 4.46 15.14
C LYS A 106 -7.86 5.85 15.72
N ASN A 107 -7.96 6.86 14.85
CA ASN A 107 -7.83 8.28 15.14
C ASN A 107 -6.42 8.72 15.49
N LYS A 108 -5.40 7.89 15.27
CA LYS A 108 -4.03 8.22 15.64
C LYS A 108 -3.16 8.13 14.39
N PRO A 109 -3.17 9.17 13.56
CA PRO A 109 -2.34 9.12 12.34
C PRO A 109 -0.85 9.02 12.67
N VAL A 110 -0.15 8.22 11.87
CA VAL A 110 1.29 7.97 12.03
C VAL A 110 2.03 8.59 10.84
N THR A 111 2.98 9.47 11.12
CA THR A 111 3.73 10.21 10.08
C THR A 111 5.12 9.59 9.94
N VAL A 112 5.41 9.04 8.78
CA VAL A 112 6.69 8.42 8.46
C VAL A 112 7.43 9.39 7.55
N THR A 113 8.55 9.89 8.00
CA THR A 113 9.27 10.90 7.23
C THR A 113 10.45 10.24 6.57
N TYR A 114 10.49 10.29 5.23
CA TYR A 114 11.61 9.81 4.44
C TYR A 114 12.48 11.01 4.11
N THR A 115 13.80 10.85 4.28
CA THR A 115 14.78 11.83 3.84
C THR A 115 15.77 11.19 2.88
N GLY A 116 16.57 12.05 2.24
CA GLY A 116 17.59 11.57 1.33
C GLY A 116 17.08 11.08 0.01
N LEU A 117 15.95 11.60 -0.46
CA LEU A 117 15.38 11.26 -1.76
C LEU A 117 15.98 12.11 -2.86
N ASN A 118 16.01 11.52 -4.06
CA ASN A 118 16.30 12.25 -5.28
C ASN A 118 15.12 12.12 -6.23
N ALA A 119 13.90 12.43 -5.76
CA ALA A 119 12.73 12.38 -6.62
C ALA A 119 12.56 13.73 -7.33
N SER A 120 11.54 13.86 -8.16
CA SER A 120 11.46 15.03 -9.00
C SER A 120 10.04 15.17 -9.50
N TYR A 121 9.56 16.42 -9.51
CA TYR A 121 8.30 16.79 -10.15
C TYR A 121 8.58 17.93 -11.11
N LEU A 122 8.44 17.69 -12.41
CA LEU A 122 8.75 18.73 -13.43
C LEU A 122 10.12 19.36 -13.15
N GLY A 123 11.11 18.51 -12.91
CA GLY A 123 12.47 18.97 -12.69
C GLY A 123 12.72 19.67 -11.37
N ARG A 124 11.74 19.69 -10.48
CA ARG A 124 11.84 20.30 -9.16
C ARG A 124 12.19 19.19 -8.18
N LYS A 125 13.30 19.36 -7.48
CA LYS A 125 13.87 18.25 -6.74
C LYS A 125 13.08 18.02 -5.46
N ILE A 126 12.69 16.77 -5.25
CA ILE A 126 11.95 16.33 -4.07
C ILE A 126 12.92 15.50 -3.25
N THR A 127 13.32 16.04 -2.10
CA THR A 127 14.27 15.40 -1.22
C THR A 127 13.63 14.83 0.03
N LYS A 128 12.39 15.19 0.35
CA LYS A 128 11.81 14.66 1.57
C LYS A 128 10.38 14.25 1.30
N ALA A 129 9.87 13.24 2.03
CA ALA A 129 8.44 12.93 1.89
C ALA A 129 7.86 12.45 3.21
N GLU A 130 6.64 12.88 3.49
CA GLU A 130 5.95 12.41 4.66
C GLU A 130 4.80 11.52 4.21
N PHE A 131 4.80 10.30 4.71
CA PHE A 131 3.74 9.35 4.45
C PHE A 131 2.93 9.26 5.72
N VAL A 132 1.67 9.66 5.68
CA VAL A 132 0.84 9.69 6.88
C VAL A 132 -0.19 8.57 6.75
N TYR A 133 -0.20 7.65 7.71
CA TYR A 133 -1.03 6.47 7.65
C TYR A 133 -2.08 6.58 8.75
N GLU A 134 -3.33 6.32 8.40
CA GLU A 134 -4.38 6.38 9.43
C GLU A 134 -5.27 5.15 9.32
N LEU A 135 -5.33 4.36 10.39
CA LEU A 135 -6.25 3.22 10.41
C LEU A 135 -7.64 3.69 10.05
N GLN A 136 -8.31 2.97 9.19
CA GLN A 136 -9.73 3.21 8.98
C GLN A 136 -10.61 2.02 9.33
N SER A 137 -10.15 0.79 9.10
CA SER A 137 -10.96 -0.39 9.45
C SER A 137 -10.03 -1.56 9.78
N SER A 138 -10.47 -2.41 10.71
CA SER A 138 -9.66 -3.53 11.19
C SER A 138 -10.56 -4.65 11.71
N PRO A 139 -10.32 -5.90 11.28
CA PRO A 139 -11.12 -7.03 11.74
C PRO A 139 -10.56 -7.75 12.96
N SER A 140 -9.58 -7.19 13.65
CA SER A 140 -9.12 -7.88 14.85
C SER A 140 -9.95 -7.50 16.06
N GLN A 141 -9.79 -8.27 17.16
CA GLN A 141 -10.55 -7.97 18.37
C GLN A 141 -10.20 -6.60 18.91
N SER A 142 -8.92 -6.25 18.90
CA SER A 142 -8.51 -4.96 19.40
C SER A 142 -8.86 -3.82 18.44
N GLY A 143 -9.28 -4.12 17.21
CA GLY A 143 -9.50 -3.01 16.27
C GLY A 143 -8.25 -2.25 15.87
N THR A 144 -7.07 -2.85 16.00
CA THR A 144 -5.84 -2.18 15.60
C THR A 144 -5.31 -2.85 14.35
N LEU A 145 -4.29 -2.21 13.74
CA LEU A 145 -3.55 -2.80 12.64
C LEU A 145 -2.08 -2.78 12.99
N ASN A 146 -1.33 -3.73 12.44
CA ASN A 146 0.12 -3.75 12.56
C ASN A 146 0.70 -3.23 11.27
N ALA A 147 1.80 -2.52 11.37
CA ALA A 147 2.46 -2.00 10.17
C ALA A 147 3.95 -2.23 10.26
N VAL A 148 4.60 -2.54 9.14
CA VAL A 148 6.02 -2.36 9.04
C VAL A 148 6.25 -1.42 7.88
N PHE A 149 6.97 -0.35 8.16
CA PHE A 149 7.30 0.66 7.17
C PHE A 149 8.73 0.45 6.74
N SER A 150 8.94 0.20 5.45
CA SER A 150 10.28 0.00 4.89
C SER A 150 11.06 1.28 4.80
N ASN A 151 12.37 1.16 5.08
CA ASN A 151 13.29 2.26 4.81
C ASN A 151 13.38 2.59 3.34
N ASP A 152 12.91 1.72 2.46
CA ASP A 152 12.85 2.00 1.04
C ASP A 152 11.46 2.49 0.71
N PRO A 153 11.27 3.76 0.31
CA PRO A 153 9.91 4.30 0.20
C PRO A 153 9.13 3.72 -0.96
N ILE A 154 9.80 3.01 -1.86
CA ILE A 154 9.20 2.32 -3.01
C ILE A 154 8.68 0.93 -2.62
N ILE A 155 9.16 0.40 -1.52
CA ILE A 155 8.59 -0.82 -0.96
C ILE A 155 7.45 -0.46 -0.01
N THR A 156 7.65 0.60 0.76
CA THR A 156 6.62 1.40 1.38
C THR A 156 6.09 0.68 2.62
N ALA A 157 5.07 -0.16 2.49
CA ALA A 157 4.38 -0.57 3.73
C ALA A 157 3.83 -1.97 3.63
N PHE A 158 3.85 -2.67 4.78
CA PHE A 158 3.18 -3.95 5.00
C PHE A 158 2.24 -3.73 6.16
N ILE A 159 0.97 -4.09 5.99
CA ILE A 159 -0.08 -3.81 6.98
C ILE A 159 -0.87 -5.08 7.22
N GLY A 160 -1.22 -5.35 8.47
CA GLY A 160 -2.09 -6.50 8.69
C GLY A 160 -2.45 -6.67 10.14
N THR A 161 -3.35 -7.59 10.37
CA THR A 161 -3.70 -7.99 11.74
C THR A 161 -4.41 -9.32 11.61
N ASN A 162 -4.81 -9.88 12.76
CA ASN A 162 -5.60 -11.10 12.80
C ASN A 162 -7.07 -10.84 12.42
N ARG A 163 -7.68 -11.78 11.70
CA ARG A 163 -9.08 -11.61 11.31
C ARG A 163 -9.99 -12.42 12.22
N VAL A 164 -10.90 -11.74 12.94
CA VAL A 164 -11.92 -12.42 13.73
C VAL A 164 -13.33 -12.11 13.24
N ASN A 165 -13.54 -11.07 12.46
CA ASN A 165 -14.87 -10.75 11.95
C ASN A 165 -14.76 -10.42 10.45
N GLY A 166 -15.85 -9.99 9.83
CA GLY A 166 -15.91 -9.78 8.40
C GLY A 166 -15.43 -8.42 7.93
N LYS A 167 -14.86 -7.61 8.80
CA LYS A 167 -14.58 -6.22 8.45
C LYS A 167 -13.38 -6.12 7.52
N ASP A 168 -13.38 -5.08 6.70
CA ASP A 168 -12.25 -4.75 5.84
C ASP A 168 -11.03 -4.43 6.68
N VAL A 169 -9.85 -4.76 6.15
CA VAL A 169 -8.64 -4.06 6.56
C VAL A 169 -8.61 -2.78 5.72
N LYS A 170 -8.46 -1.60 6.34
CA LYS A 170 -8.36 -0.39 5.51
C LYS A 170 -7.47 0.63 6.19
N THR A 171 -6.62 1.30 5.42
CA THR A 171 -5.68 2.29 5.92
C THR A 171 -5.75 3.46 4.95
N ARG A 172 -5.81 4.69 5.46
CA ARG A 172 -5.69 5.85 4.59
C ARG A 172 -4.24 6.29 4.52
N LEU A 173 -3.79 6.77 3.36
CA LEU A 173 -2.42 7.19 3.16
C LEU A 173 -2.48 8.56 2.51
N THR A 174 -1.83 9.53 3.14
CA THR A 174 -1.64 10.87 2.58
C THR A 174 -0.15 11.08 2.42
N ILE A 175 0.29 11.56 1.25
CA ILE A 175 1.71 11.73 0.98
C ILE A 175 1.98 13.21 0.72
N LYS A 176 2.97 13.77 1.38
CA LYS A 176 3.41 15.14 1.12
C LYS A 176 4.86 15.10 0.68
N PHE A 177 5.14 15.70 -0.47
CA PHE A 177 6.50 15.86 -0.97
C PHE A 177 7.05 17.23 -0.59
N PHE A 178 8.34 17.26 -0.26
CA PHE A 178 9.02 18.50 0.12
C PHE A 178 10.28 18.68 -0.71
N ASP A 179 10.51 19.93 -1.13
CA ASP A 179 11.71 20.26 -1.87
C ASP A 179 12.85 20.52 -0.88
N ALA A 180 14.03 20.83 -1.42
CA ALA A 180 15.18 21.09 -0.55
C ALA A 180 14.95 22.27 0.38
N SER A 181 14.16 23.25 -0.07
CA SER A 181 13.84 24.41 0.76
C SER A 181 12.76 24.13 1.81
N GLY A 182 12.45 22.85 2.08
CA GLY A 182 11.47 22.45 3.07
C GLY A 182 10.02 22.76 2.73
N LYS A 183 9.74 23.33 1.56
CA LYS A 183 8.38 23.69 1.20
C LYS A 183 7.70 22.53 0.49
N GLU A 184 6.41 22.38 0.73
CA GLU A 184 5.69 21.28 0.11
C GLU A 184 5.66 21.46 -1.41
N VAL A 185 5.87 20.36 -2.12
CA VAL A 185 5.79 20.36 -3.58
C VAL A 185 4.42 19.82 -3.97
N LEU A 186 3.61 20.67 -4.59
CA LEU A 186 2.28 20.33 -5.04
C LEU A 186 2.19 20.50 -6.55
N PRO A 187 1.25 19.81 -7.19
CA PRO A 187 1.23 19.83 -8.67
C PRO A 187 0.76 21.16 -9.23
N ASP A 188 1.37 21.56 -10.36
CA ASP A 188 0.73 22.53 -11.24
C ASP A 188 -0.64 21.98 -11.63
N LYS A 189 -1.62 22.87 -11.80
CA LYS A 189 -2.97 22.42 -12.14
C LYS A 189 -2.98 21.60 -13.42
N ASP A 190 -2.21 21.99 -14.43
CA ASP A 190 -2.23 21.30 -15.70
C ASP A 190 -1.27 20.11 -15.80
N SER A 191 -0.59 19.72 -14.73
CA SER A 191 0.41 18.64 -14.79
C SER A 191 0.23 17.75 -13.56
N PRO A 192 -0.87 17.00 -13.52
CA PRO A 192 -1.14 16.18 -12.32
C PRO A 192 -0.03 15.19 -12.02
N PHE A 193 0.11 14.85 -10.75
CA PHE A 193 0.87 13.68 -10.35
C PHE A 193 0.16 12.45 -10.89
N ALA A 194 0.92 11.49 -11.42
CA ALA A 194 0.35 10.18 -11.75
C ALA A 194 1.09 9.12 -10.94
N TYR A 195 0.34 8.25 -10.27
CA TYR A 195 0.96 7.23 -9.41
C TYR A 195 0.30 5.88 -9.64
N ALA A 196 1.03 4.82 -9.37
CA ALA A 196 0.55 3.49 -9.73
C ALA A 196 -0.27 2.94 -8.57
N LEU A 197 -1.39 2.29 -8.87
CA LEU A 197 -2.13 1.50 -7.87
C LEU A 197 -2.02 0.07 -8.39
N SER A 198 -1.07 -0.69 -7.90
CA SER A 198 -0.71 -1.95 -8.53
C SER A 198 -0.95 -3.13 -7.63
N SER A 199 -0.83 -4.33 -8.23
CA SER A 199 -0.84 -5.59 -7.46
C SER A 199 -2.09 -5.68 -6.59
N LEU A 200 -3.24 -5.37 -7.19
CA LEU A 200 -4.52 -5.42 -6.48
C LEU A 200 -5.12 -6.78 -6.83
N ASN A 201 -4.57 -7.80 -6.18
CA ASN A 201 -4.97 -9.16 -6.44
C ASN A 201 -6.31 -9.50 -5.76
N SER A 202 -6.96 -10.55 -6.28
CA SER A 202 -8.27 -10.96 -5.80
C SER A 202 -8.44 -12.46 -5.98
N SER A 203 -8.98 -13.12 -4.93
CA SER A 203 -9.42 -14.50 -5.00
C SER A 203 -10.92 -14.62 -4.75
N LEU A 204 -11.66 -13.51 -4.90
CA LEU A 204 -13.06 -13.51 -4.51
C LEU A 204 -13.85 -14.50 -5.34
N THR A 205 -14.68 -15.31 -4.66
CA THR A 205 -15.65 -16.17 -5.34
C THR A 205 -16.99 -16.06 -4.65
N ASN A 206 -17.93 -16.92 -5.03
CA ASN A 206 -19.33 -16.81 -4.57
C ASN A 206 -19.47 -16.82 -3.06
N LYS A 207 -18.63 -17.55 -2.34
CA LYS A 207 -18.49 -17.22 -0.93
C LYS A 207 -17.15 -17.72 -0.42
N GLY A 208 -16.13 -16.94 -0.76
CA GLY A 208 -14.82 -17.12 -0.18
C GLY A 208 -13.90 -16.11 -0.84
N GLY A 209 -12.67 -16.10 -0.39
CA GLY A 209 -11.68 -15.26 -1.03
C GLY A 209 -11.69 -13.84 -0.51
N HIS A 210 -10.72 -13.10 -1.00
CA HIS A 210 -10.60 -11.71 -0.59
C HIS A 210 -9.98 -10.96 -1.75
N ALA A 211 -10.12 -9.64 -1.71
CA ALA A 211 -9.42 -8.83 -2.72
C ALA A 211 -8.70 -7.68 -2.03
N GLU A 212 -7.52 -7.34 -2.55
CA GLU A 212 -6.91 -6.08 -2.17
C GLU A 212 -7.54 -4.95 -3.00
N PHE A 213 -7.64 -3.76 -2.41
CA PHE A 213 -8.42 -2.69 -3.04
C PHE A 213 -7.78 -1.35 -2.74
N VAL A 214 -8.17 -0.35 -3.55
CA VAL A 214 -7.93 1.06 -3.22
C VAL A 214 -9.31 1.74 -3.26
N SER A 215 -9.40 2.86 -2.56
CA SER A 215 -10.69 3.52 -2.46
C SER A 215 -10.47 4.91 -1.89
N ASP A 216 -11.58 5.67 -1.74
CA ASP A 216 -11.58 6.86 -0.89
C ASP A 216 -10.49 7.86 -1.31
N PHE A 217 -10.47 8.15 -2.60
CA PHE A 217 -9.49 9.10 -3.10
C PHE A 217 -9.74 10.48 -2.52
N GLY A 218 -8.64 11.19 -2.24
CA GLY A 218 -8.69 12.49 -1.68
C GLY A 218 -9.18 13.53 -2.68
N ALA A 219 -9.53 14.70 -2.15
CA ALA A 219 -9.91 15.82 -3.02
C ALA A 219 -8.83 16.01 -4.08
N ASN A 220 -9.26 16.31 -5.32
CA ASN A 220 -8.36 16.52 -6.45
C ASN A 220 -7.52 15.27 -6.78
N ASN A 221 -7.93 14.10 -6.28
CA ASN A 221 -7.40 12.82 -6.74
C ASN A 221 -8.48 12.10 -7.51
N ALA A 222 -8.08 11.26 -8.45
CA ALA A 222 -9.04 10.44 -9.16
C ALA A 222 -8.39 9.14 -9.65
N PHE A 223 -9.16 8.06 -9.56
CA PHE A 223 -8.75 6.79 -10.12
C PHE A 223 -9.00 6.80 -11.62
N LYS A 224 -8.01 6.37 -12.40
CA LYS A 224 -8.12 6.23 -13.85
C LYS A 224 -8.00 4.75 -14.23
N TYR A 225 -9.02 4.26 -14.90
CA TYR A 225 -9.12 2.86 -15.27
C TYR A 225 -8.15 2.59 -16.42
N ILE A 226 -7.44 1.47 -16.34
CA ILE A 226 -6.53 1.03 -17.40
C ILE A 226 -7.28 0.03 -18.28
N ASN A 227 -7.28 0.28 -19.59
CA ASN A 227 -7.92 -0.65 -20.51
C ASN A 227 -7.35 -2.03 -20.32
N GLY A 228 -8.24 -3.01 -20.10
CA GLY A 228 -7.83 -4.36 -19.92
C GLY A 228 -7.58 -4.75 -18.48
N SER A 229 -7.73 -3.81 -17.54
CA SER A 229 -7.60 -4.12 -16.11
C SER A 229 -8.88 -4.75 -15.57
N TYR A 230 -8.72 -5.74 -14.71
CA TYR A 230 -9.87 -6.30 -14.01
C TYR A 230 -10.28 -5.44 -12.81
N VAL A 231 -9.52 -4.38 -12.50
CA VAL A 231 -9.76 -3.54 -11.34
C VAL A 231 -10.65 -2.38 -11.78
N LYS A 232 -11.87 -2.33 -11.25
CA LYS A 232 -12.82 -1.26 -11.57
C LYS A 232 -13.57 -0.87 -10.31
N LYS A 233 -14.22 0.29 -10.36
CA LYS A 233 -14.97 0.71 -9.17
C LYS A 233 -16.20 -0.18 -8.96
N GLN A 234 -16.28 -0.82 -7.80
CA GLN A 234 -17.44 -1.64 -7.46
C GLN A 234 -18.54 -0.78 -6.81
N ALA A 235 -19.76 -1.32 -6.73
CA ALA A 235 -20.86 -0.56 -6.16
C ALA A 235 -20.63 -0.20 -4.70
N ASP A 236 -19.81 -0.98 -3.97
CA ASP A 236 -19.46 -0.63 -2.59
C ASP A 236 -18.45 0.51 -2.50
N GLY A 237 -18.07 1.13 -3.62
CA GLY A 237 -17.16 2.24 -3.60
C GLY A 237 -15.70 1.91 -3.76
N LYS A 238 -15.32 0.65 -3.65
CA LYS A 238 -13.91 0.32 -3.68
C LYS A 238 -13.52 -0.12 -5.10
N PHE A 239 -12.23 -0.02 -5.39
CA PHE A 239 -11.67 -0.42 -6.69
C PHE A 239 -10.92 -1.72 -6.47
N TYR A 240 -11.45 -2.81 -7.02
CA TYR A 240 -10.83 -4.12 -6.96
C TYR A 240 -11.38 -4.98 -8.08
N SER A 241 -10.77 -6.16 -8.23
CA SER A 241 -11.32 -7.19 -9.12
C SER A 241 -12.34 -8.02 -8.34
N PRO A 242 -13.61 -8.00 -8.74
CA PRO A 242 -14.62 -8.75 -7.98
C PRO A 242 -14.60 -10.25 -8.21
N GLU A 243 -13.76 -10.75 -9.11
CA GLU A 243 -13.63 -12.18 -9.40
C GLU A 243 -12.19 -12.63 -9.27
N ASP A 244 -12.02 -13.94 -9.02
CA ASP A 244 -10.73 -14.53 -8.76
C ASP A 244 -9.81 -14.31 -9.95
N ILE A 245 -8.64 -13.73 -9.70
CA ILE A 245 -7.57 -13.65 -10.68
C ILE A 245 -6.28 -14.17 -10.04
N ASP A 246 -6.42 -14.84 -8.89
CA ASP A 246 -5.29 -15.37 -8.15
C ASP A 246 -5.13 -16.88 -8.23
N TYR A 247 -6.21 -17.66 -8.23
CA TYR A 247 -6.11 -19.12 -8.09
C TYR A 247 -6.61 -19.87 -9.31
N GLY A 248 -6.98 -19.18 -10.37
CA GLY A 248 -7.41 -19.88 -11.57
C GLY A 248 -8.83 -20.38 -11.55
N THR A 249 -9.64 -20.05 -10.54
CA THR A 249 -11.00 -20.57 -10.50
C THR A 249 -12.03 -19.63 -11.11
N GLY A 250 -11.66 -18.39 -11.40
CA GLY A 250 -12.59 -17.44 -11.98
C GLY A 250 -12.73 -17.61 -13.48
N PRO A 251 -13.71 -16.90 -14.03
CA PRO A 251 -13.95 -17.02 -15.48
C PRO A 251 -12.82 -16.50 -16.36
N SER A 252 -11.87 -15.75 -15.79
CA SER A 252 -10.71 -15.32 -16.59
C SER A 252 -9.66 -16.41 -16.66
N GLY A 253 -9.75 -17.39 -15.77
CA GLY A 253 -8.74 -18.43 -15.69
C GLY A 253 -7.43 -17.95 -15.11
N LEU A 254 -7.32 -16.71 -14.68
CA LEU A 254 -6.03 -16.16 -14.28
C LEU A 254 -5.60 -16.68 -12.93
N LYS A 255 -4.29 -16.91 -12.82
CA LYS A 255 -3.60 -17.17 -11.57
C LYS A 255 -2.70 -15.98 -11.26
N ASN A 256 -2.31 -15.87 -9.99
CA ASN A 256 -1.58 -14.68 -9.55
C ASN A 256 -0.31 -14.48 -10.35
N SER A 257 0.45 -15.57 -10.58
CA SER A 257 1.73 -15.41 -11.28
C SER A 257 1.59 -15.16 -12.76
N ASP A 258 0.36 -15.14 -13.26
CA ASP A 258 0.09 -14.85 -14.65
C ASP A 258 0.15 -13.33 -14.91
N TRP A 259 0.18 -12.54 -13.86
CA TRP A 259 0.19 -11.08 -14.01
C TRP A 259 0.87 -10.25 -12.92
N ASP A 260 0.89 -10.79 -11.71
CA ASP A 260 1.35 -10.08 -10.53
C ASP A 260 2.84 -10.07 -10.28
N ALA A 261 3.56 -9.38 -11.12
CA ALA A 261 5.01 -9.30 -10.93
C ALA A 261 5.46 -7.93 -11.42
N VAL A 262 6.47 -7.38 -10.76
CA VAL A 262 7.01 -6.08 -11.19
C VAL A 262 7.53 -6.21 -12.61
N GLY A 263 7.07 -5.33 -13.51
CA GLY A 263 7.54 -5.39 -14.89
C GLY A 263 6.80 -6.36 -15.81
N HIS A 264 5.86 -7.15 -15.28
CA HIS A 264 5.14 -8.11 -16.10
C HIS A 264 4.32 -7.35 -17.14
N LYS A 265 4.29 -7.84 -18.38
CA LYS A 265 3.55 -7.12 -19.42
C LYS A 265 2.07 -6.96 -19.05
N ASN A 266 1.52 -7.93 -18.31
CA ASN A 266 0.10 -7.91 -17.98
C ASN A 266 -0.16 -7.48 -16.55
N ALA A 267 0.79 -6.83 -15.91
CA ALA A 267 0.56 -6.38 -14.55
C ALA A 267 -0.64 -5.41 -14.45
N TYR A 268 -1.01 -4.79 -15.58
CA TYR A 268 -2.15 -3.90 -15.58
C TYR A 268 -3.44 -4.65 -15.30
N PHE A 269 -3.43 -5.98 -15.35
CA PHE A 269 -4.63 -6.75 -15.07
C PHE A 269 -5.10 -6.42 -13.66
N GLY A 270 -4.17 -6.20 -12.76
CA GLY A 270 -4.48 -5.86 -11.39
C GLY A 270 -4.12 -4.45 -10.97
N SER A 271 -4.15 -3.51 -11.89
CA SER A 271 -3.75 -2.16 -11.57
C SER A 271 -4.65 -1.04 -12.06
N GLY A 272 -4.45 0.12 -11.47
CA GLY A 272 -5.05 1.33 -11.99
C GLY A 272 -4.02 2.45 -11.91
N VAL A 273 -4.44 3.66 -12.29
CA VAL A 273 -3.59 4.84 -12.20
C VAL A 273 -4.28 5.86 -11.30
N GLY A 274 -3.56 6.44 -10.36
CA GLY A 274 -4.08 7.57 -9.59
C GLY A 274 -3.55 8.84 -10.23
N LEU A 275 -4.41 9.84 -10.33
CA LEU A 275 -4.05 11.15 -10.84
C LEU A 275 -4.39 12.18 -9.78
N ALA A 276 -3.49 13.12 -9.51
CA ALA A 276 -3.75 14.08 -8.42
C ALA A 276 -3.34 15.47 -8.89
N ASN A 277 -4.29 16.39 -8.79
CA ASN A 277 -4.15 17.81 -9.03
C ASN A 277 -3.74 18.52 -7.73
N GLY A 278 -3.74 17.77 -6.64
CA GLY A 278 -3.44 18.27 -5.32
C GLY A 278 -2.67 17.19 -4.58
N ARG A 279 -2.61 17.32 -3.27
CA ARG A 279 -1.90 16.39 -2.46
C ARG A 279 -2.46 14.98 -2.66
N ILE A 280 -1.56 14.02 -2.77
CA ILE A 280 -1.94 12.63 -2.95
C ILE A 280 -2.56 12.09 -1.67
N SER A 281 -3.71 11.44 -1.79
CA SER A 281 -4.36 10.83 -0.63
C SER A 281 -5.34 9.79 -1.15
N PHE A 282 -5.41 8.63 -0.46
CA PHE A 282 -6.32 7.55 -0.86
C PHE A 282 -6.24 6.49 0.24
N SER A 283 -7.18 5.55 0.22
CA SER A 283 -7.11 4.42 1.14
C SER A 283 -6.79 3.16 0.37
N PHE A 284 -6.26 2.17 1.08
CA PHE A 284 -5.99 0.86 0.50
C PHE A 284 -6.33 -0.17 1.57
N GLY A 285 -6.65 -1.38 1.15
CA GLY A 285 -6.98 -2.40 2.12
C GLY A 285 -7.28 -3.74 1.51
N MET A 286 -7.99 -4.54 2.30
CA MET A 286 -8.40 -5.89 1.90
C MET A 286 -9.84 -6.11 2.29
N THR A 287 -10.62 -6.72 1.40
CA THR A 287 -12.02 -6.94 1.69
C THR A 287 -12.35 -8.40 1.45
N THR A 288 -13.16 -8.96 2.37
CA THR A 288 -13.76 -10.27 2.18
C THR A 288 -15.25 -10.14 1.88
N LYS A 289 -15.72 -8.93 1.57
CA LYS A 289 -17.15 -8.65 1.40
C LYS A 289 -17.96 -9.15 2.60
N GLY A 290 -17.39 -9.03 3.80
CA GLY A 290 -18.14 -9.27 5.02
C GLY A 290 -17.95 -10.63 5.61
N LYS A 291 -17.18 -11.51 4.97
CA LYS A 291 -17.04 -12.88 5.44
C LYS A 291 -15.92 -12.97 6.48
N SER A 292 -16.20 -13.65 7.61
CA SER A 292 -15.22 -13.64 8.69
C SER A 292 -14.22 -14.79 8.57
N ASN A 293 -14.59 -15.86 7.90
CA ASN A 293 -13.78 -17.08 7.97
C ASN A 293 -13.04 -17.34 6.66
N VAL A 294 -12.32 -16.34 6.17
CA VAL A 294 -11.49 -16.48 4.98
C VAL A 294 -10.04 -16.47 5.43
N PRO A 295 -9.24 -17.49 5.13
CA PRO A 295 -7.86 -17.52 5.60
C PRO A 295 -6.97 -16.49 4.88
N VAL A 296 -5.87 -16.15 5.54
CA VAL A 296 -4.82 -15.29 4.97
C VAL A 296 -5.41 -14.14 4.19
N SER A 297 -6.39 -13.49 4.80
CA SER A 297 -7.11 -12.38 4.18
C SER A 297 -6.99 -11.06 4.93
N SER A 298 -5.98 -10.94 5.79
CA SER A 298 -5.83 -9.75 6.58
C SER A 298 -4.44 -9.09 6.65
N ALA A 299 -3.55 -9.44 5.73
CA ALA A 299 -2.23 -8.83 5.66
C ALA A 299 -1.85 -8.56 4.20
N GLN A 300 -1.24 -7.41 3.92
CA GLN A 300 -0.89 -7.05 2.56
C GLN A 300 0.39 -6.22 2.52
N TRP A 301 0.97 -6.21 1.34
CA TRP A 301 2.06 -5.33 0.98
C TRP A 301 1.50 -4.26 0.05
N PHE A 302 1.64 -2.98 0.43
CA PHE A 302 1.24 -1.89 -0.45
C PHE A 302 2.48 -1.08 -0.74
N ALA A 303 2.86 -1.00 -2.03
CA ALA A 303 4.04 -0.30 -2.50
C ALA A 303 3.56 0.94 -3.24
N PHE A 304 4.20 2.06 -2.98
CA PHE A 304 3.85 3.30 -3.66
C PHE A 304 4.95 3.61 -4.65
N SER A 305 4.58 3.90 -5.89
CA SER A 305 5.56 4.28 -6.90
C SER A 305 4.83 4.94 -8.06
N THR A 306 5.62 5.53 -8.96
CA THR A 306 5.13 5.93 -10.26
C THR A 306 5.32 4.86 -11.33
N ASN A 307 5.64 3.62 -10.94
CA ASN A 307 5.83 2.59 -11.96
C ASN A 307 4.48 2.18 -12.50
N LEU A 308 3.88 3.04 -13.30
CA LEU A 308 2.55 2.78 -13.82
C LEU A 308 2.60 1.50 -14.60
N ASN A 309 1.62 0.64 -14.38
CA ASN A 309 1.59 -0.52 -15.27
C ASN A 309 0.85 -0.22 -16.58
N ALA A 310 0.75 1.05 -16.94
CA ALA A 310 0.05 1.53 -18.13
C ALA A 310 1.01 2.41 -18.91
N GLN A 311 0.61 2.76 -20.14
CA GLN A 311 1.45 3.58 -21.01
C GLN A 311 0.95 5.01 -21.07
NA NA D . -1.19 -7.52 -3.89
C1 EDO E . -0.35 -15.77 -4.00
O1 EDO E . -1.19 -16.58 -4.83
C2 EDO E . -1.00 -14.40 -3.84
O2 EDO E . -2.43 -14.62 -3.76
#